data_9CFH
#
_entry.id   9CFH
#
_cell.length_a   1.00
_cell.length_b   1.00
_cell.length_c   1.00
_cell.angle_alpha   90.00
_cell.angle_beta   90.00
_cell.angle_gamma   90.00
#
_symmetry.space_group_name_H-M   'P 1'
#
loop_
_entity.id
_entity.type
_entity.pdbx_description
1 polymer 'Spike protein S1'
2 polymer 'heavy chain'
3 polymer 'light chain'
#
loop_
_entity_poly.entity_id
_entity_poly.type
_entity_poly.pdbx_seq_one_letter_code
_entity_poly.pdbx_strand_id
1 'polypeptide(L)'
;RVQPTESIVRFPNITNLCPFHEVFNATTFASVYAWNRKRISNCVADYSVIYNFAPFFAFKCYGVSPTKLNDLCFTNVYAD
SFVIRGNEVSQIAPGQTGNIADYNYKLPDDFTGCVIAWNSNKLDSKPSGNYNYLYRFLRKSKLKPFERDISTEIYQVGNK
PCNGVAGPNCYSPLQSYGFRPTYGVGHQPYRVVVLSFELLHAPATVCGPKKSTNLVKNK
;
A
2 'polypeptide(L)'
;EVQVVESGGGLIQPGGSLRLSCTASELIISRNYMSWVRQAPGKGLEWLSVIYPGGSSFYTDSLKGRFTISVDNSKNTLYL
QMNRLGVEDTAIYYCVRDAPSESDWGQGTLVTVSS
;
H
3 'polypeptide(L)'
;EIVLTQSPATLSLFPGERATLSCRASQNIGHFLTWYQQKPGQAPRLLIYDASNRATGVPARFSGSGSETEFTLTISSLGP
EDFAVYYCQERSDWPRGTFGQGTKVEIK
;
L
#
# COMPACT_ATOMS: atom_id res chain seq x y z
N ASN A 16 -40.46 11.44 -14.19
CA ASN A 16 -39.43 12.18 -13.39
C ASN A 16 -38.07 11.49 -13.51
N LEU A 17 -37.17 12.08 -14.29
CA LEU A 17 -35.89 11.46 -14.56
C LEU A 17 -34.98 11.52 -13.34
N CYS A 18 -33.94 10.58 -13.30
CA CYS A 18 -33.09 10.40 -12.12
C CYS A 18 -31.89 11.34 -12.13
N PRO A 19 -31.25 11.54 -10.97
CA PRO A 19 -30.14 12.49 -10.88
C PRO A 19 -28.79 11.94 -11.30
N PHE A 20 -28.76 10.84 -12.07
CA PHE A 20 -27.51 10.17 -12.39
C PHE A 20 -26.46 11.14 -12.92
N HIS A 21 -26.87 12.03 -13.82
CA HIS A 21 -25.94 13.06 -14.29
C HIS A 21 -25.55 14.02 -13.18
N GLU A 22 -26.41 14.21 -12.18
CA GLU A 22 -26.07 15.09 -11.07
C GLU A 22 -25.08 14.44 -10.12
N VAL A 23 -25.03 13.10 -10.12
CA VAL A 23 -24.05 12.38 -9.31
C VAL A 23 -22.73 12.28 -10.04
N PHE A 24 -22.77 11.97 -11.34
CA PHE A 24 -21.54 11.78 -12.10
C PHE A 24 -20.82 13.08 -12.38
N ASN A 25 -21.56 14.15 -12.68
CA ASN A 25 -20.97 15.45 -12.99
C ASN A 25 -20.86 16.36 -11.77
N ALA A 26 -20.90 15.80 -10.57
CA ALA A 26 -20.74 16.62 -9.37
C ALA A 26 -19.35 17.24 -9.35
N THR A 27 -19.27 18.47 -8.84
CA THR A 27 -18.03 19.22 -8.89
C THR A 27 -16.98 18.65 -7.93
N THR A 28 -17.41 18.23 -6.74
CA THR A 28 -16.52 17.68 -5.73
C THR A 28 -16.99 16.29 -5.34
N PHE A 29 -16.03 15.36 -5.24
CA PHE A 29 -16.27 14.02 -4.74
C PHE A 29 -15.70 13.89 -3.33
N ALA A 30 -16.25 12.93 -2.58
CA ALA A 30 -15.86 12.76 -1.19
C ALA A 30 -14.60 11.92 -1.08
N SER A 31 -13.94 12.04 0.07
CA SER A 31 -12.80 11.17 0.37
C SER A 31 -13.30 9.73 0.52
N VAL A 32 -12.44 8.79 0.16
CA VAL A 32 -12.87 7.38 0.14
C VAL A 32 -13.18 6.89 1.54
N TYR A 33 -12.47 7.39 2.56
CA TYR A 33 -12.80 7.01 3.93
C TYR A 33 -14.16 7.55 4.35
N ALA A 34 -14.59 8.67 3.80
CA ALA A 34 -15.87 9.29 4.07
C ALA A 34 -16.74 9.30 2.82
N TRP A 35 -16.76 8.16 2.12
CA TRP A 35 -17.49 8.05 0.86
C TRP A 35 -18.94 8.46 1.02
N ASN A 36 -19.41 9.27 0.07
CA ASN A 36 -20.72 9.90 0.13
C ASN A 36 -21.73 9.04 -0.61
N ARG A 37 -22.88 8.81 0.03
CA ARG A 37 -23.94 7.96 -0.51
C ARG A 37 -25.18 8.80 -0.79
N LYS A 38 -25.71 8.67 -2.00
CA LYS A 38 -26.95 9.30 -2.42
C LYS A 38 -27.99 8.24 -2.71
N ARG A 39 -29.21 8.45 -2.22
CA ARG A 39 -30.33 7.55 -2.47
C ARG A 39 -31.13 8.08 -3.66
N ILE A 40 -31.43 7.18 -4.59
CA ILE A 40 -32.25 7.50 -5.76
C ILE A 40 -33.49 6.62 -5.70
N SER A 41 -34.66 7.26 -5.60
CA SER A 41 -35.91 6.53 -5.47
C SER A 41 -37.04 7.38 -6.03
N ASN A 42 -38.15 6.71 -6.36
CA ASN A 42 -39.32 7.36 -6.94
C ASN A 42 -38.94 8.10 -8.22
N CYS A 43 -38.49 7.34 -9.22
CA CYS A 43 -37.93 7.93 -10.42
C CYS A 43 -38.03 6.95 -11.58
N VAL A 44 -37.70 7.44 -12.77
CA VAL A 44 -37.53 6.64 -13.98
C VAL A 44 -36.10 6.82 -14.46
N ALA A 45 -35.38 5.71 -14.58
CA ALA A 45 -33.94 5.76 -14.81
C ALA A 45 -33.61 5.51 -16.27
N ASP A 46 -32.43 5.97 -16.67
CA ASP A 46 -31.93 5.81 -18.03
C ASP A 46 -30.43 5.59 -17.89
N TYR A 47 -30.00 4.33 -17.96
CA TYR A 47 -28.60 3.97 -17.81
C TYR A 47 -27.82 4.04 -19.12
N SER A 48 -28.50 4.28 -20.24
CA SER A 48 -27.78 4.39 -21.51
C SER A 48 -26.83 5.58 -21.51
N VAL A 49 -27.27 6.71 -20.95
CA VAL A 49 -26.41 7.88 -20.89
C VAL A 49 -25.16 7.58 -20.07
N ILE A 50 -25.32 6.79 -19.00
CA ILE A 50 -24.16 6.35 -18.24
C ILE A 50 -23.27 5.45 -19.08
N TYR A 51 -23.86 4.53 -19.85
CA TYR A 51 -23.09 3.55 -20.58
C TYR A 51 -22.43 4.14 -21.82
N ASN A 52 -23.08 5.08 -22.49
CA ASN A 52 -22.58 5.60 -23.76
C ASN A 52 -21.58 6.73 -23.61
N PHE A 53 -21.46 7.34 -22.44
CA PHE A 53 -20.51 8.44 -22.27
C PHE A 53 -19.09 7.92 -22.33
N ALA A 54 -18.25 8.58 -23.13
CA ALA A 54 -16.94 8.04 -23.46
C ALA A 54 -16.02 7.90 -22.25
N PRO A 55 -15.77 8.93 -21.43
CA PRO A 55 -14.67 8.83 -20.45
C PRO A 55 -14.89 7.78 -19.37
N PHE A 56 -16.12 7.32 -19.16
CA PHE A 56 -16.38 6.32 -18.12
C PHE A 56 -16.04 4.92 -18.63
N PHE A 57 -14.79 4.72 -19.04
CA PHE A 57 -14.41 3.46 -19.66
C PHE A 57 -14.42 2.31 -18.67
N ALA A 58 -13.99 2.53 -17.44
CA ALA A 58 -13.87 1.46 -16.44
C ALA A 58 -15.27 1.09 -15.94
N PHE A 59 -15.95 0.30 -16.75
CA PHE A 59 -17.31 -0.15 -16.48
C PHE A 59 -17.29 -1.65 -16.21
N LYS A 60 -17.90 -2.08 -15.11
CA LYS A 60 -17.84 -3.48 -14.71
C LYS A 60 -18.94 -3.79 -13.71
N CYS A 61 -19.89 -4.63 -14.13
CA CYS A 61 -21.01 -5.05 -13.28
C CYS A 61 -21.06 -6.55 -13.04
N TYR A 62 -21.57 -6.87 -11.85
CA TYR A 62 -21.58 -8.19 -11.25
C TYR A 62 -23.01 -8.49 -10.83
N GLY A 63 -23.51 -9.67 -11.20
CA GLY A 63 -24.88 -10.01 -10.88
C GLY A 63 -25.90 -9.22 -11.70
N VAL A 64 -25.43 -8.46 -12.67
CA VAL A 64 -26.30 -7.74 -13.60
C VAL A 64 -25.43 -7.30 -14.76
N SER A 65 -26.04 -7.23 -15.95
CA SER A 65 -25.30 -6.85 -17.15
C SER A 65 -25.63 -5.41 -17.53
N PRO A 66 -24.70 -4.66 -18.12
CA PRO A 66 -25.05 -3.28 -18.53
C PRO A 66 -26.15 -3.24 -19.57
N THR A 67 -26.41 -4.35 -20.26
CA THR A 67 -27.39 -4.33 -21.34
C THR A 67 -28.81 -4.35 -20.80
N LYS A 68 -29.05 -5.13 -19.73
CA LYS A 68 -30.41 -5.30 -19.23
C LYS A 68 -30.79 -4.31 -18.14
N LEU A 69 -29.93 -3.34 -17.83
CA LEU A 69 -30.22 -2.41 -16.73
C LEU A 69 -31.52 -1.66 -16.97
N ASN A 70 -31.83 -1.35 -18.22
CA ASN A 70 -33.08 -0.65 -18.53
C ASN A 70 -34.30 -1.50 -18.18
N ASP A 71 -34.27 -2.80 -18.45
CA ASP A 71 -35.44 -3.64 -18.24
C ASP A 71 -35.77 -3.80 -16.76
N LEU A 72 -34.77 -3.83 -15.90
CA LEU A 72 -34.99 -4.12 -14.48
C LEU A 72 -35.55 -2.90 -13.75
N CYS A 73 -36.21 -3.18 -12.63
CA CYS A 73 -36.60 -2.16 -11.66
C CYS A 73 -36.19 -2.62 -10.27
N PHE A 74 -35.93 -1.63 -9.40
CA PHE A 74 -35.41 -1.88 -8.08
C PHE A 74 -36.14 -1.00 -7.07
N THR A 75 -36.18 -1.44 -5.82
CA THR A 75 -36.80 -0.65 -4.77
C THR A 75 -36.08 0.68 -4.59
N ASN A 76 -34.75 0.63 -4.55
CA ASN A 76 -33.92 1.83 -4.42
C ASN A 76 -32.64 1.61 -5.18
N VAL A 77 -31.95 2.71 -5.49
CA VAL A 77 -30.62 2.69 -6.07
C VAL A 77 -29.74 3.65 -5.29
N TYR A 78 -28.62 3.15 -4.80
CA TYR A 78 -27.66 3.94 -4.04
C TYR A 78 -26.45 4.24 -4.93
N ALA A 79 -25.95 5.47 -4.84
CA ALA A 79 -24.77 5.89 -5.59
C ALA A 79 -23.70 6.35 -4.61
N ASP A 80 -22.69 5.51 -4.41
CA ASP A 80 -21.58 5.81 -3.52
C ASP A 80 -20.44 6.37 -4.36
N SER A 81 -20.00 7.59 -4.03
CA SER A 81 -19.02 8.30 -4.83
C SER A 81 -17.82 8.66 -3.96
N PHE A 82 -16.63 8.54 -4.55
CA PHE A 82 -15.40 8.84 -3.84
C PHE A 82 -14.27 8.93 -4.86
N VAL A 83 -13.09 9.31 -4.37
CA VAL A 83 -11.88 9.45 -5.19
C VAL A 83 -10.81 8.54 -4.61
N ILE A 84 -10.13 7.79 -5.49
CA ILE A 84 -9.09 6.85 -5.10
C ILE A 84 -7.99 6.90 -6.16
N ARG A 85 -6.90 6.19 -5.86
CA ARG A 85 -5.79 6.11 -6.81
C ARG A 85 -6.17 5.21 -7.98
N GLY A 86 -5.45 5.38 -9.08
CA GLY A 86 -5.74 4.60 -10.27
C GLY A 86 -5.53 3.11 -10.07
N ASN A 87 -4.43 2.73 -9.43
CA ASN A 87 -4.15 1.32 -9.22
C ASN A 87 -5.02 0.73 -8.13
N GLU A 88 -5.60 1.57 -7.26
CA GLU A 88 -6.50 1.09 -6.22
C GLU A 88 -7.91 0.85 -6.74
N VAL A 89 -8.21 1.17 -8.00
CA VAL A 89 -9.53 0.94 -8.55
C VAL A 89 -9.83 -0.55 -8.63
N SER A 90 -8.80 -1.37 -8.85
CA SER A 90 -9.02 -2.81 -8.95
C SER A 90 -9.57 -3.39 -7.64
N GLN A 91 -9.35 -2.73 -6.51
CA GLN A 91 -9.87 -3.21 -5.24
C GLN A 91 -11.37 -2.99 -5.10
N ILE A 92 -11.98 -2.17 -5.96
CA ILE A 92 -13.41 -1.92 -5.89
C ILE A 92 -14.13 -2.98 -6.69
N ALA A 93 -14.36 -4.14 -6.08
CA ALA A 93 -15.05 -5.25 -6.71
C ALA A 93 -15.37 -6.28 -5.66
N PRO A 94 -16.30 -7.20 -5.93
CA PRO A 94 -16.66 -8.20 -4.92
C PRO A 94 -15.48 -9.10 -4.58
N GLY A 95 -15.33 -9.39 -3.29
CA GLY A 95 -14.33 -10.34 -2.85
C GLY A 95 -12.91 -9.82 -2.87
N GLN A 96 -12.69 -8.55 -3.19
CA GLN A 96 -11.34 -8.01 -3.23
C GLN A 96 -10.87 -7.68 -1.82
N THR A 97 -9.55 -7.60 -1.67
CA THR A 97 -8.92 -7.25 -0.41
C THR A 97 -7.77 -6.29 -0.68
N GLY A 98 -7.46 -5.47 0.32
CA GLY A 98 -6.43 -4.47 0.16
C GLY A 98 -6.61 -3.31 1.11
N ASN A 99 -5.96 -2.19 0.82
CA ASN A 99 -6.11 -1.00 1.66
C ASN A 99 -7.55 -0.51 1.67
N ILE A 100 -8.07 -0.15 0.49
CA ILE A 100 -9.40 0.44 0.40
C ILE A 100 -10.46 -0.61 0.71
N ALA A 101 -10.30 -1.82 0.20
CA ALA A 101 -11.30 -2.85 0.44
C ALA A 101 -11.44 -3.15 1.93
N ASP A 102 -10.33 -3.09 2.67
CA ASP A 102 -10.39 -3.40 4.09
C ASP A 102 -10.88 -2.21 4.92
N TYR A 103 -10.29 -1.03 4.71
CA TYR A 103 -10.44 0.06 5.67
C TYR A 103 -11.32 1.21 5.22
N ASN A 104 -11.63 1.33 3.92
CA ASN A 104 -12.33 2.49 3.41
C ASN A 104 -13.67 2.16 2.78
N TYR A 105 -13.73 1.19 1.88
CA TYR A 105 -14.97 0.90 1.16
C TYR A 105 -14.98 -0.57 0.78
N LYS A 106 -15.80 -1.37 1.44
CA LYS A 106 -15.90 -2.80 1.21
C LYS A 106 -17.22 -3.10 0.50
N LEU A 107 -17.13 -3.88 -0.58
CA LEU A 107 -18.30 -4.40 -1.27
C LEU A 107 -18.50 -5.88 -0.92
N PRO A 108 -19.73 -6.38 -0.81
CA PRO A 108 -19.92 -7.79 -0.47
C PRO A 108 -19.62 -8.70 -1.65
N ASP A 109 -19.43 -9.98 -1.34
CA ASP A 109 -19.20 -10.97 -2.38
C ASP A 109 -20.45 -11.18 -3.22
N ASP A 110 -21.64 -11.01 -2.63
CA ASP A 110 -22.91 -11.12 -3.33
C ASP A 110 -23.41 -9.77 -3.85
N PHE A 111 -22.48 -8.87 -4.18
CA PHE A 111 -22.84 -7.50 -4.55
C PHE A 111 -23.62 -7.47 -5.85
N THR A 112 -24.72 -6.72 -5.84
CA THR A 112 -25.52 -6.44 -7.02
C THR A 112 -25.57 -4.93 -7.20
N GLY A 113 -25.52 -4.49 -8.45
CA GLY A 113 -25.17 -3.12 -8.76
C GLY A 113 -23.77 -3.13 -9.33
N CYS A 114 -23.26 -1.94 -9.70
CA CYS A 114 -21.91 -1.92 -10.25
C CYS A 114 -21.21 -0.57 -10.22
N VAL A 115 -19.93 -0.63 -10.59
CA VAL A 115 -18.93 0.38 -10.27
C VAL A 115 -18.51 1.05 -11.57
N ILE A 116 -18.48 2.37 -11.56
CA ILE A 116 -18.04 3.17 -12.70
C ILE A 116 -16.92 4.09 -12.23
N ALA A 117 -15.77 4.03 -12.91
CA ALA A 117 -14.61 4.81 -12.55
C ALA A 117 -14.04 5.48 -13.79
N TRP A 118 -13.48 6.66 -13.60
CA TRP A 118 -12.85 7.37 -14.70
C TRP A 118 -11.72 8.22 -14.12
N ASN A 119 -10.75 8.54 -14.98
CA ASN A 119 -9.59 9.31 -14.56
C ASN A 119 -9.98 10.78 -14.40
N SER A 120 -9.77 11.32 -13.20
CA SER A 120 -10.05 12.71 -12.90
C SER A 120 -8.78 13.51 -12.69
N ASN A 121 -7.68 13.13 -13.35
CA ASN A 121 -6.42 13.82 -13.18
C ASN A 121 -6.52 15.29 -13.59
N LYS A 122 -7.40 15.58 -14.56
CA LYS A 122 -7.49 16.94 -15.07
C LYS A 122 -8.05 17.92 -14.05
N LEU A 123 -8.84 17.44 -13.07
CA LEU A 123 -9.57 18.33 -12.17
C LEU A 123 -9.30 18.03 -10.70
N ASP A 124 -8.99 16.78 -10.36
CA ASP A 124 -8.69 16.42 -8.98
C ASP A 124 -7.22 16.60 -8.62
N SER A 125 -6.33 16.54 -9.61
CA SER A 125 -4.90 16.74 -9.34
C SER A 125 -4.59 18.23 -9.27
N LYS A 126 -3.58 18.55 -8.45
CA LYS A 126 -3.10 19.91 -8.27
C LYS A 126 -1.57 19.89 -8.24
N PRO A 127 -0.91 20.89 -8.85
CA PRO A 127 0.53 21.00 -8.64
C PRO A 127 0.86 21.22 -7.17
N SER A 128 1.98 20.64 -6.75
CA SER A 128 2.37 20.65 -5.34
C SER A 128 1.42 19.82 -4.49
N GLY A 129 0.70 18.89 -5.13
CA GLY A 129 -0.06 17.89 -4.39
C GLY A 129 -1.42 18.34 -3.93
N ASN A 130 -2.43 17.49 -4.13
CA ASN A 130 -3.76 17.69 -3.58
C ASN A 130 -3.91 16.82 -2.34
N TYR A 131 -3.82 17.45 -1.17
CA TYR A 131 -3.92 16.75 0.10
C TYR A 131 -5.32 16.78 0.69
N ASN A 132 -6.33 17.22 -0.08
CA ASN A 132 -7.69 17.28 0.41
C ASN A 132 -8.40 15.93 0.36
N TYR A 133 -7.85 14.96 -0.36
CA TYR A 133 -8.42 13.62 -0.44
C TYR A 133 -7.64 12.69 0.47
N LEU A 134 -8.35 12.04 1.40
CA LEU A 134 -7.74 11.23 2.44
C LEU A 134 -8.27 9.81 2.35
N TYR A 135 -7.53 8.87 2.90
CA TYR A 135 -7.96 7.49 3.01
C TYR A 135 -7.45 6.91 4.32
N ARG A 136 -8.18 5.93 4.83
CA ARG A 136 -7.78 5.24 6.05
C ARG A 136 -6.88 4.06 5.72
N PHE A 137 -5.77 3.94 6.47
CA PHE A 137 -4.82 2.86 6.28
C PHE A 137 -4.56 2.04 7.54
N LEU A 138 -5.03 2.49 8.70
CA LEU A 138 -4.96 1.72 9.94
C LEU A 138 -6.36 1.58 10.51
N ARG A 139 -6.74 0.34 10.84
CA ARG A 139 -8.00 0.10 11.53
C ARG A 139 -7.85 -1.17 12.34
N LYS A 140 -8.63 -1.25 13.43
CA LYS A 140 -8.56 -2.41 14.30
C LYS A 140 -9.00 -3.68 13.59
N SER A 141 -9.89 -3.56 12.61
CA SER A 141 -10.38 -4.73 11.89
C SER A 141 -10.93 -4.26 10.54
N LYS A 142 -11.21 -5.24 9.68
CA LYS A 142 -11.75 -4.93 8.37
C LYS A 142 -13.14 -4.32 8.48
N LEU A 143 -13.50 -3.53 7.48
CA LEU A 143 -14.85 -2.99 7.40
C LEU A 143 -15.82 -4.08 6.99
N LYS A 144 -17.00 -4.08 7.62
CA LYS A 144 -18.11 -4.84 7.08
C LYS A 144 -18.57 -4.18 5.78
N PRO A 145 -19.17 -4.94 4.87
CA PRO A 145 -19.55 -4.35 3.57
C PRO A 145 -20.48 -3.16 3.74
N PHE A 146 -20.21 -2.11 2.97
CA PHE A 146 -20.97 -0.85 3.01
C PHE A 146 -20.93 -0.20 4.39
N GLU A 147 -19.83 -0.38 5.12
CA GLU A 147 -19.63 0.33 6.37
C GLU A 147 -18.80 1.58 6.15
N ARG A 148 -19.10 2.62 6.91
CA ARG A 148 -18.36 3.87 6.88
C ARG A 148 -17.75 4.13 8.25
N ASP A 149 -16.49 4.58 8.26
CA ASP A 149 -15.77 4.89 9.49
C ASP A 149 -15.14 6.27 9.31
N ILE A 150 -15.67 7.25 10.03
CA ILE A 150 -15.20 8.64 9.94
C ILE A 150 -14.39 9.04 11.16
N SER A 151 -14.19 8.12 12.12
CA SER A 151 -13.43 8.45 13.31
C SER A 151 -12.00 8.82 12.94
N THR A 152 -11.52 9.94 13.47
CA THR A 152 -10.15 10.39 13.28
C THR A 152 -9.28 10.20 14.51
N GLU A 153 -9.75 9.46 15.51
CA GLU A 153 -8.99 9.31 16.75
C GLU A 153 -7.66 8.62 16.48
N ILE A 154 -6.65 9.01 17.25
CA ILE A 154 -5.31 8.47 17.06
C ILE A 154 -5.32 6.97 17.32
N TYR A 155 -4.74 6.22 16.39
CA TYR A 155 -4.80 4.77 16.40
C TYR A 155 -3.61 4.23 17.19
N GLN A 156 -3.89 3.45 18.24
CA GLN A 156 -2.85 2.89 19.10
C GLN A 156 -2.30 1.64 18.43
N VAL A 157 -1.09 1.77 17.87
CA VAL A 157 -0.43 0.62 17.25
C VAL A 157 0.61 0.04 18.21
N GLY A 158 1.11 0.85 19.14
CA GLY A 158 2.07 0.39 20.11
C GLY A 158 1.44 -0.28 21.32
N ASN A 159 2.30 -0.78 22.20
CA ASN A 159 1.84 -1.35 23.47
C ASN A 159 1.45 -0.27 24.47
N LYS A 160 2.22 0.82 24.53
CA LYS A 160 1.95 1.87 25.50
C LYS A 160 0.90 2.83 24.95
N PRO A 161 -0.26 2.97 25.58
CA PRO A 161 -1.22 3.99 25.13
C PRO A 161 -0.62 5.39 25.25
N CYS A 162 -0.98 6.23 24.28
CA CYS A 162 -0.53 7.63 24.25
C CYS A 162 -1.68 8.60 24.49
N ASN A 163 -2.78 8.13 25.08
CA ASN A 163 -3.86 8.99 25.56
C ASN A 163 -4.48 9.84 24.46
N GLY A 164 -4.49 9.33 23.23
CA GLY A 164 -5.16 10.02 22.14
C GLY A 164 -4.45 11.23 21.59
N VAL A 165 -3.13 11.32 21.75
CA VAL A 165 -2.32 12.38 21.15
C VAL A 165 -1.22 11.73 20.34
N ALA A 166 -0.94 12.29 19.16
CA ALA A 166 0.01 11.67 18.25
C ALA A 166 1.39 11.58 18.87
N GLY A 167 2.12 10.54 18.51
CA GLY A 167 3.41 10.26 19.10
C GLY A 167 4.02 9.00 18.52
N PRO A 168 5.06 8.46 19.18
CA PRO A 168 5.67 7.23 18.67
C PRO A 168 4.78 6.02 18.88
N ASN A 169 4.61 5.23 17.81
CA ASN A 169 3.78 4.03 17.80
C ASN A 169 2.31 4.31 18.09
N CYS A 170 1.83 5.49 17.70
CA CYS A 170 0.40 5.75 17.62
C CYS A 170 0.20 6.93 16.68
N TYR A 171 -0.40 6.68 15.51
CA TYR A 171 -0.50 7.65 14.44
C TYR A 171 -1.95 7.98 14.16
N SER A 172 -2.15 9.04 13.39
CA SER A 172 -3.47 9.33 12.87
C SER A 172 -3.81 8.32 11.77
N PRO A 173 -4.99 7.71 11.77
CA PRO A 173 -5.27 6.61 10.83
C PRO A 173 -5.56 7.04 9.41
N LEU A 174 -5.57 8.33 9.10
CA LEU A 174 -5.91 8.83 7.78
C LEU A 174 -4.67 9.35 7.07
N GLN A 175 -4.50 8.93 5.81
CA GLN A 175 -3.39 9.34 4.97
C GLN A 175 -3.91 10.13 3.79
N SER A 176 -3.24 11.25 3.48
CA SER A 176 -3.61 12.05 2.33
C SER A 176 -3.01 11.48 1.06
N TYR A 177 -3.77 11.56 -0.03
CA TYR A 177 -3.33 10.96 -1.28
C TYR A 177 -2.24 11.77 -1.96
N GLY A 178 -2.33 13.10 -1.92
CA GLY A 178 -1.32 13.93 -2.55
C GLY A 178 -1.25 13.78 -4.05
N PHE A 179 -2.38 13.86 -4.75
CA PHE A 179 -2.42 13.75 -6.20
C PHE A 179 -1.68 14.92 -6.84
N ARG A 180 -0.81 14.63 -7.81
CA ARG A 180 -0.18 15.64 -8.64
C ARG A 180 -0.50 15.39 -10.11
N PRO A 181 -0.47 16.43 -10.96
CA PRO A 181 -0.83 16.22 -12.38
C PRO A 181 0.06 15.22 -13.08
N THR A 182 1.31 15.08 -12.63
CA THR A 182 2.22 14.07 -13.15
C THR A 182 1.96 12.76 -12.41
N TYR A 183 2.89 11.81 -12.52
CA TYR A 183 2.77 10.44 -12.03
C TYR A 183 2.03 9.59 -13.05
N GLY A 184 2.26 8.29 -13.01
CA GLY A 184 1.61 7.41 -13.98
C GLY A 184 0.13 7.30 -13.75
N VAL A 185 -0.52 6.52 -14.62
CA VAL A 185 -1.96 6.32 -14.50
C VAL A 185 -2.31 5.63 -13.19
N GLY A 186 -1.37 4.86 -12.63
CA GLY A 186 -1.64 4.16 -11.39
C GLY A 186 -1.87 5.09 -10.22
N HIS A 187 -1.07 6.14 -10.09
CA HIS A 187 -1.16 7.06 -8.96
C HIS A 187 -2.05 8.27 -9.23
N GLN A 188 -2.61 8.39 -10.42
CA GLN A 188 -3.47 9.52 -10.70
C GLN A 188 -4.84 9.31 -10.07
N PRO A 189 -5.54 10.39 -9.71
CA PRO A 189 -6.85 10.23 -9.07
C PRO A 189 -7.86 9.62 -10.02
N TYR A 190 -8.77 8.83 -9.46
CA TYR A 190 -9.85 8.21 -10.21
C TYR A 190 -11.15 8.43 -9.48
N ARG A 191 -12.05 9.23 -10.06
CA ARG A 191 -13.37 9.38 -9.50
C ARG A 191 -14.18 8.12 -9.77
N VAL A 192 -14.77 7.58 -8.71
CA VAL A 192 -15.46 6.30 -8.76
C VAL A 192 -16.88 6.49 -8.24
N VAL A 193 -17.84 5.90 -8.94
CA VAL A 193 -19.24 5.91 -8.53
C VAL A 193 -19.73 4.46 -8.58
N VAL A 194 -20.31 4.01 -7.48
CA VAL A 194 -20.80 2.63 -7.34
C VAL A 194 -22.31 2.70 -7.24
N LEU A 195 -22.99 2.17 -8.25
CA LEU A 195 -24.46 2.13 -8.29
C LEU A 195 -24.91 0.81 -7.70
N SER A 196 -25.41 0.85 -6.47
CA SER A 196 -25.86 -0.34 -5.75
C SER A 196 -27.37 -0.44 -5.84
N PHE A 197 -27.86 -1.52 -6.43
CA PHE A 197 -29.29 -1.76 -6.57
C PHE A 197 -29.82 -2.54 -5.37
N GLU A 198 -31.09 -2.30 -5.03
CA GLU A 198 -31.69 -2.89 -3.84
C GLU A 198 -33.13 -3.31 -4.12
N LEU A 199 -33.49 -4.48 -3.60
CA LEU A 199 -34.86 -4.99 -3.65
C LEU A 199 -35.24 -5.48 -2.26
N LEU A 200 -36.40 -5.04 -1.77
CA LEU A 200 -36.87 -5.38 -0.43
C LEU A 200 -38.30 -5.90 -0.43
N HIS A 201 -38.85 -6.24 -1.60
CA HIS A 201 -40.26 -6.61 -1.77
C HIS A 201 -41.19 -5.44 -1.49
N ALA A 202 -40.64 -4.23 -1.38
CA ALA A 202 -41.46 -3.03 -1.38
C ALA A 202 -41.74 -2.63 -2.82
N PRO A 203 -42.63 -1.65 -3.05
CA PRO A 203 -42.89 -1.21 -4.43
C PRO A 203 -41.61 -0.75 -5.12
N ALA A 204 -41.44 -1.21 -6.36
CA ALA A 204 -40.25 -0.90 -7.15
C ALA A 204 -40.39 0.52 -7.69
N THR A 205 -39.76 1.45 -6.99
CA THR A 205 -39.92 2.87 -7.29
C THR A 205 -39.00 3.36 -8.41
N VAL A 206 -38.06 2.54 -8.86
CA VAL A 206 -37.12 2.92 -9.92
C VAL A 206 -37.15 1.87 -11.01
N CYS A 207 -37.75 2.21 -12.15
CA CYS A 207 -37.71 1.38 -13.35
C CYS A 207 -36.85 2.11 -14.37
N GLY A 208 -36.37 1.36 -15.37
CA GLY A 208 -35.40 1.87 -16.31
C GLY A 208 -35.81 1.92 -17.76
N PRO A 209 -37.07 2.29 -18.08
CA PRO A 209 -37.34 2.39 -19.51
C PRO A 209 -36.62 3.58 -20.17
N GLU B 1 13.77 2.33 21.58
CA GLU B 1 13.82 1.93 20.18
C GLU B 1 13.01 0.67 19.98
N VAL B 2 12.31 0.58 18.84
CA VAL B 2 11.53 -0.61 18.53
C VAL B 2 12.48 -1.74 18.17
N GLN B 3 12.26 -2.91 18.76
CA GLN B 3 13.05 -4.10 18.49
C GLN B 3 12.11 -5.23 18.12
N VAL B 4 12.37 -5.85 16.96
CA VAL B 4 11.66 -7.05 16.53
C VAL B 4 12.67 -8.18 16.39
N VAL B 5 12.35 -9.32 16.99
CA VAL B 5 13.29 -10.44 17.11
C VAL B 5 12.73 -11.61 16.31
N GLU B 6 13.54 -12.14 15.39
CA GLU B 6 13.14 -13.29 14.60
C GLU B 6 13.67 -14.58 15.23
N SER B 7 13.14 -15.70 14.75
CA SER B 7 13.54 -17.02 15.24
C SER B 7 13.12 -18.06 14.22
N GLY B 8 13.59 -19.28 14.43
CA GLY B 8 13.21 -20.40 13.60
C GLY B 8 14.09 -20.64 12.38
N GLY B 9 15.28 -20.05 12.33
CA GLY B 9 16.18 -20.26 11.23
C GLY B 9 16.97 -21.55 11.39
N GLY B 10 17.99 -21.69 10.55
CA GLY B 10 18.87 -22.85 10.59
C GLY B 10 18.81 -23.69 9.33
N LEU B 11 19.35 -24.90 9.46
CA LEU B 11 19.47 -25.81 8.33
C LEU B 11 18.16 -26.54 8.06
N ILE B 12 17.94 -26.85 6.79
CA ILE B 12 16.79 -27.64 6.36
C ILE B 12 17.15 -28.27 5.03
N GLN B 13 16.61 -29.47 4.77
CA GLN B 13 16.96 -30.17 3.55
C GLN B 13 16.21 -29.55 2.36
N PRO B 14 16.72 -29.73 1.14
CA PRO B 14 15.96 -29.28 -0.04
C PRO B 14 14.62 -29.99 -0.12
N GLY B 15 13.59 -29.24 -0.52
CA GLY B 15 12.24 -29.77 -0.61
C GLY B 15 11.50 -29.85 0.71
N GLY B 16 12.12 -29.44 1.80
CA GLY B 16 11.50 -29.50 3.11
C GLY B 16 10.62 -28.30 3.37
N SER B 17 10.40 -28.04 4.66
CA SER B 17 9.57 -26.92 5.09
C SER B 17 10.11 -26.37 6.40
N LEU B 18 9.81 -25.09 6.64
CA LEU B 18 10.24 -24.40 7.84
C LEU B 18 9.22 -23.31 8.17
N ARG B 19 9.23 -22.87 9.43
CA ARG B 19 8.34 -21.81 9.89
C ARG B 19 9.16 -20.85 10.75
N LEU B 20 9.46 -19.68 10.20
CA LEU B 20 10.12 -18.63 10.96
C LEU B 20 9.12 -17.94 11.87
N SER B 21 9.61 -17.41 12.98
CA SER B 21 8.80 -16.69 13.96
C SER B 21 9.40 -15.31 14.18
N CYS B 22 8.53 -14.35 14.46
CA CYS B 22 8.93 -12.97 14.70
C CYS B 22 8.10 -12.38 15.82
N THR B 23 8.76 -11.70 16.75
CA THR B 23 8.09 -11.12 17.90
C THR B 23 8.66 -9.73 18.15
N ALA B 24 7.84 -8.88 18.77
CA ALA B 24 8.21 -7.51 19.07
C ALA B 24 7.82 -7.21 20.51
N SER B 25 8.53 -6.24 21.10
CA SER B 25 8.40 -5.94 22.52
C SER B 25 7.51 -4.73 22.78
N GLU B 26 7.84 -3.59 22.20
CA GLU B 26 7.16 -2.34 22.52
C GLU B 26 5.96 -2.07 21.62
N LEU B 27 5.69 -2.93 20.63
CA LEU B 27 4.56 -2.72 19.73
C LEU B 27 3.72 -3.98 19.66
N ILE B 28 2.51 -3.83 19.13
CA ILE B 28 1.57 -4.93 18.96
C ILE B 28 1.68 -5.35 17.51
N ILE B 29 2.15 -6.59 17.28
CA ILE B 29 2.32 -7.09 15.92
C ILE B 29 0.97 -7.21 15.22
N SER B 30 -0.10 -7.44 15.98
CA SER B 30 -1.41 -7.62 15.36
C SER B 30 -1.88 -6.34 14.67
N ARG B 31 -1.44 -5.19 15.15
CA ARG B 31 -1.91 -3.89 14.68
C ARG B 31 -0.93 -3.18 13.77
N ASN B 32 0.04 -3.91 13.20
CA ASN B 32 1.11 -3.30 12.42
C ASN B 32 1.17 -3.93 11.03
N TYR B 33 1.71 -3.16 10.09
CA TYR B 33 2.04 -3.69 8.77
C TYR B 33 3.36 -4.44 8.85
N MET B 34 3.29 -5.76 8.97
CA MET B 34 4.46 -6.59 9.17
C MET B 34 4.77 -7.34 7.88
N SER B 35 6.00 -7.17 7.38
CA SER B 35 6.44 -7.77 6.15
C SER B 35 7.69 -8.60 6.40
N TRP B 36 7.88 -9.62 5.55
CA TRP B 36 9.07 -10.46 5.59
C TRP B 36 9.92 -10.15 4.36
N VAL B 37 11.18 -9.80 4.59
CA VAL B 37 12.12 -9.45 3.54
C VAL B 37 13.36 -10.31 3.71
N ARG B 38 13.80 -10.95 2.63
CA ARG B 38 14.99 -11.79 2.64
C ARG B 38 16.10 -11.11 1.84
N GLN B 39 17.33 -11.40 2.26
CA GLN B 39 18.53 -10.89 1.58
C GLN B 39 19.42 -12.10 1.30
N ALA B 40 19.46 -12.51 0.03
CA ALA B 40 20.30 -13.63 -0.35
C ALA B 40 21.78 -13.26 -0.11
N PRO B 41 22.64 -14.23 0.19
CA PRO B 41 24.03 -13.89 0.50
C PRO B 41 24.72 -13.20 -0.67
N GLY B 42 25.20 -11.98 -0.42
CA GLY B 42 25.85 -11.21 -1.47
C GLY B 42 24.94 -10.79 -2.60
N LYS B 43 23.63 -10.66 -2.33
CA LYS B 43 22.65 -10.31 -3.35
C LYS B 43 21.69 -9.28 -2.78
N GLY B 44 20.86 -8.72 -3.66
CA GLY B 44 19.96 -7.65 -3.27
C GLY B 44 18.81 -8.15 -2.42
N LEU B 45 18.16 -7.20 -1.75
CA LEU B 45 17.00 -7.50 -0.93
C LEU B 45 15.82 -7.89 -1.80
N GLU B 46 14.87 -8.62 -1.21
CA GLU B 46 13.68 -9.05 -1.91
C GLU B 46 12.53 -9.10 -0.91
N TRP B 47 11.51 -8.27 -1.13
CA TRP B 47 10.33 -8.29 -0.30
C TRP B 47 9.50 -9.53 -0.64
N LEU B 48 9.13 -10.31 0.37
CA LEU B 48 8.45 -11.58 0.17
C LEU B 48 6.95 -11.46 0.36
N SER B 49 6.52 -11.00 1.53
CA SER B 49 5.10 -10.98 1.85
C SER B 49 4.84 -9.95 2.95
N VAL B 50 3.57 -9.60 3.10
CA VAL B 50 3.11 -8.68 4.13
C VAL B 50 1.78 -9.19 4.66
N ILE B 51 1.49 -8.85 5.91
CA ILE B 51 0.18 -9.05 6.51
C ILE B 51 -0.30 -7.71 7.04
N TYR B 52 -1.51 -7.32 6.66
CA TYR B 52 -2.05 -6.03 7.04
C TYR B 52 -2.59 -6.08 8.47
N PRO B 53 -2.83 -4.91 9.09
CA PRO B 53 -3.49 -4.91 10.41
C PRO B 53 -4.81 -5.66 10.43
N GLY B 54 -5.58 -5.64 9.35
CA GLY B 54 -6.83 -6.36 9.29
C GLY B 54 -6.69 -7.84 9.01
N GLY B 55 -5.49 -8.34 8.74
CA GLY B 55 -5.27 -9.73 8.45
C GLY B 55 -5.09 -10.07 6.99
N SER B 56 -5.28 -9.13 6.07
CA SER B 56 -5.04 -9.38 4.67
C SER B 56 -3.55 -9.62 4.43
N SER B 57 -3.25 -10.61 3.59
CA SER B 57 -1.88 -10.99 3.29
C SER B 57 -1.67 -11.05 1.79
N PHE B 58 -0.48 -10.64 1.36
CA PHE B 58 -0.12 -10.59 -0.05
C PHE B 58 1.28 -11.15 -0.21
N TYR B 59 1.54 -11.73 -1.39
CA TYR B 59 2.79 -12.41 -1.68
C TYR B 59 3.28 -12.02 -3.06
N THR B 60 4.59 -12.12 -3.25
CA THR B 60 5.17 -11.90 -4.58
C THR B 60 4.77 -13.04 -5.50
N ASP B 61 4.82 -12.77 -6.81
CA ASP B 61 4.40 -13.77 -7.79
C ASP B 61 5.28 -15.02 -7.71
N SER B 62 6.60 -14.84 -7.59
CA SER B 62 7.51 -15.98 -7.59
C SER B 62 7.31 -16.88 -6.37
N LEU B 63 6.78 -16.34 -5.27
CA LEU B 63 6.60 -17.12 -4.05
C LEU B 63 5.22 -17.77 -3.93
N LYS B 64 4.32 -17.52 -4.87
CA LYS B 64 2.93 -17.91 -4.69
C LYS B 64 2.80 -19.42 -4.49
N GLY B 65 2.09 -19.81 -3.45
CA GLY B 65 1.88 -21.19 -3.08
C GLY B 65 2.86 -21.72 -2.05
N ARG B 66 4.11 -21.27 -2.09
CA ARG B 66 5.15 -21.84 -1.23
C ARG B 66 5.30 -21.12 0.10
N PHE B 67 4.70 -19.94 0.26
CA PHE B 67 4.83 -19.16 1.49
C PHE B 67 3.45 -18.79 2.01
N THR B 68 3.35 -18.62 3.33
CA THR B 68 2.09 -18.32 3.99
C THR B 68 2.39 -17.56 5.27
N ILE B 69 2.15 -16.26 5.25
CA ILE B 69 2.34 -15.41 6.42
C ILE B 69 1.08 -15.46 7.27
N SER B 70 1.25 -15.35 8.58
CA SER B 70 0.12 -15.42 9.50
C SER B 70 0.55 -14.78 10.82
N VAL B 71 -0.44 -14.54 11.69
CA VAL B 71 -0.21 -13.96 13.00
C VAL B 71 -1.09 -14.69 14.02
N ASP B 72 -0.58 -14.80 15.24
CA ASP B 72 -1.33 -15.30 16.38
C ASP B 72 -1.47 -14.13 17.34
N ASN B 73 -2.70 -13.61 17.47
CA ASN B 73 -2.92 -12.37 18.20
C ASN B 73 -2.55 -12.50 19.67
N SER B 74 -2.87 -13.64 20.29
CA SER B 74 -2.62 -13.81 21.71
C SER B 74 -1.14 -13.74 22.05
N LYS B 75 -0.29 -14.36 21.22
CA LYS B 75 1.14 -14.43 21.52
C LYS B 75 1.91 -13.20 21.07
N ASN B 76 1.30 -12.32 20.27
CA ASN B 76 1.97 -11.13 19.76
C ASN B 76 3.22 -11.50 18.96
N THR B 77 3.06 -12.47 18.06
CA THR B 77 4.15 -12.93 17.21
C THR B 77 3.64 -13.14 15.80
N LEU B 78 4.58 -13.11 14.86
CA LEU B 78 4.32 -13.25 13.43
C LEU B 78 5.06 -14.45 12.90
N TYR B 79 4.39 -15.20 12.02
CA TYR B 79 4.91 -16.45 11.48
C TYR B 79 4.95 -16.39 9.96
N LEU B 80 5.91 -17.13 9.39
CA LEU B 80 6.07 -17.25 7.94
C LEU B 80 6.30 -18.72 7.62
N GLN B 81 5.24 -19.43 7.28
CA GLN B 81 5.39 -20.83 6.87
C GLN B 81 6.03 -20.88 5.49
N MET B 82 7.06 -21.72 5.34
CA MET B 82 7.81 -21.86 4.11
C MET B 82 7.82 -23.33 3.72
N ASN B 83 7.44 -23.63 2.49
CA ASN B 83 7.26 -25.00 2.02
C ASN B 83 7.96 -25.21 0.70
N ARG B 84 8.40 -26.44 0.48
CA ARG B 84 9.03 -26.86 -0.78
C ARG B 84 10.21 -25.96 -1.13
N LEU B 85 11.13 -25.83 -0.19
CA LEU B 85 12.25 -24.91 -0.34
C LEU B 85 13.28 -25.47 -1.32
N GLY B 86 13.84 -24.57 -2.15
CA GLY B 86 14.93 -24.93 -3.03
C GLY B 86 16.27 -24.38 -2.54
N VAL B 87 17.32 -24.68 -3.30
CA VAL B 87 18.66 -24.17 -2.95
C VAL B 87 18.72 -22.66 -3.09
N GLU B 88 17.83 -22.09 -3.91
CA GLU B 88 17.84 -20.64 -4.11
C GLU B 88 17.12 -19.89 -3.00
N ASP B 89 16.44 -20.60 -2.10
CA ASP B 89 15.73 -19.95 -1.00
C ASP B 89 16.63 -19.63 0.18
N THR B 90 17.92 -19.97 0.12
CA THR B 90 18.84 -19.61 1.18
C THR B 90 19.05 -18.11 1.23
N ALA B 91 18.85 -17.53 2.40
CA ALA B 91 18.94 -16.08 2.59
C ALA B 91 18.76 -15.77 4.07
N ILE B 92 19.09 -14.53 4.42
CA ILE B 92 18.78 -14.02 5.76
C ILE B 92 17.43 -13.33 5.72
N TYR B 93 16.50 -13.80 6.54
CA TYR B 93 15.11 -13.39 6.49
C TYR B 93 14.85 -12.36 7.58
N TYR B 94 14.38 -11.18 7.17
CA TYR B 94 14.15 -10.06 8.07
C TYR B 94 12.65 -9.89 8.32
N CYS B 95 12.29 -9.74 9.60
CA CYS B 95 10.93 -9.35 9.96
C CYS B 95 10.90 -7.84 10.16
N VAL B 96 10.23 -7.14 9.24
CA VAL B 96 10.25 -5.69 9.18
C VAL B 96 8.84 -5.16 9.42
N ARG B 97 8.75 -4.12 10.25
CA ARG B 97 7.51 -3.42 10.53
C ARG B 97 7.51 -2.11 9.75
N ASP B 98 6.46 -1.89 8.97
CA ASP B 98 6.36 -0.74 8.09
C ASP B 98 5.34 0.25 8.63
N ALA B 99 5.72 1.52 8.65
CA ALA B 99 4.83 2.62 8.97
C ALA B 99 5.07 3.71 7.94
N PRO B 100 4.18 4.71 7.82
CA PRO B 100 4.38 5.74 6.79
C PRO B 100 5.71 6.46 6.91
N SER B 101 6.19 6.70 8.13
CA SER B 101 7.44 7.42 8.36
C SER B 101 8.49 6.59 9.09
N GLU B 102 8.22 5.30 9.34
CA GLU B 102 9.17 4.43 10.02
C GLU B 102 9.19 3.07 9.32
N SER B 103 10.35 2.42 9.39
CA SER B 103 10.52 1.06 8.86
C SER B 103 11.52 0.37 9.77
N ASP B 104 11.01 -0.48 10.66
CA ASP B 104 11.80 -1.08 11.72
C ASP B 104 12.05 -2.54 11.40
N TRP B 105 13.33 -2.89 11.26
CA TRP B 105 13.75 -4.23 10.85
C TRP B 105 14.32 -4.97 12.05
N GLY B 106 14.18 -6.29 12.05
CA GLY B 106 14.88 -7.12 13.00
C GLY B 106 16.26 -7.50 12.50
N GLN B 107 17.02 -8.17 13.36
CA GLN B 107 18.37 -8.59 12.98
C GLN B 107 18.36 -9.73 11.98
N GLY B 108 17.28 -10.51 11.91
CA GLY B 108 17.15 -11.55 10.92
C GLY B 108 17.72 -12.88 11.38
N THR B 109 17.31 -13.94 10.69
CA THR B 109 17.76 -15.30 10.96
C THR B 109 18.18 -15.95 9.65
N LEU B 110 19.34 -16.58 9.65
CA LEU B 110 19.82 -17.25 8.46
C LEU B 110 19.04 -18.54 8.24
N VAL B 111 18.59 -18.74 7.01
CA VAL B 111 17.93 -19.96 6.58
C VAL B 111 18.76 -20.59 5.47
N THR B 112 19.24 -21.81 5.71
CA THR B 112 20.14 -22.51 4.80
C THR B 112 19.45 -23.77 4.31
N VAL B 113 19.41 -23.94 2.99
CA VAL B 113 18.82 -25.13 2.37
C VAL B 113 19.98 -25.86 1.70
N SER B 114 20.44 -26.95 2.32
CA SER B 114 21.58 -27.68 1.79
C SER B 114 21.52 -29.13 2.28
N SER B 115 22.27 -29.99 1.59
CA SER B 115 22.34 -31.39 1.93
C SER B 115 23.37 -31.64 3.03
N GLU C 1 6.81 -5.24 -14.46
CA GLU C 1 7.36 -5.08 -13.12
C GLU C 1 8.31 -3.88 -13.07
N ILE C 2 8.32 -3.19 -11.94
CA ILE C 2 9.20 -2.03 -11.77
C ILE C 2 10.59 -2.54 -11.39
N VAL C 3 11.60 -2.07 -12.11
CA VAL C 3 12.99 -2.41 -11.85
C VAL C 3 13.78 -1.12 -11.65
N LEU C 4 14.51 -1.05 -10.54
CA LEU C 4 15.27 0.13 -10.17
C LEU C 4 16.76 -0.14 -10.43
N THR C 5 17.40 0.76 -11.15
CA THR C 5 18.83 0.67 -11.44
C THR C 5 19.56 1.76 -10.67
N GLN C 6 20.31 1.36 -9.65
CA GLN C 6 21.08 2.30 -8.84
C GLN C 6 22.47 2.48 -9.45
N SER C 7 22.96 3.72 -9.37
CA SER C 7 24.25 4.07 -9.93
C SER C 7 24.89 5.13 -9.05
N PRO C 8 26.21 5.09 -8.83
CA PRO C 8 27.19 4.08 -9.29
C PRO C 8 27.12 2.81 -8.46
N ALA C 9 27.61 1.68 -8.98
CA ALA C 9 27.60 0.44 -8.22
C ALA C 9 28.46 0.58 -6.97
N THR C 10 29.62 1.22 -7.08
CA THR C 10 30.48 1.52 -5.95
C THR C 10 30.91 2.98 -6.03
N LEU C 11 30.77 3.69 -4.92
CA LEU C 11 31.09 5.12 -4.84
C LEU C 11 32.25 5.31 -3.90
N SER C 12 33.42 5.65 -4.45
CA SER C 12 34.66 5.79 -3.69
C SER C 12 34.90 7.27 -3.43
N LEU C 13 34.91 7.66 -2.15
CA LEU C 13 35.13 9.04 -1.77
C LEU C 13 35.89 9.07 -0.45
N PHE C 14 36.56 10.19 -0.19
CA PHE C 14 37.23 10.40 1.08
C PHE C 14 36.23 10.89 2.13
N PRO C 15 36.56 10.78 3.41
CA PRO C 15 35.70 11.36 4.45
C PRO C 15 35.59 12.87 4.27
N GLY C 16 34.40 13.40 4.57
CA GLY C 16 34.12 14.81 4.42
C GLY C 16 33.62 15.21 3.05
N GLU C 17 33.74 14.35 2.06
CA GLU C 17 33.27 14.67 0.72
C GLU C 17 31.76 14.49 0.62
N ARG C 18 31.15 15.18 -0.35
CA ARG C 18 29.72 15.03 -0.59
C ARG C 18 29.48 13.80 -1.45
N ALA C 19 28.53 12.96 -1.02
CA ALA C 19 28.16 11.75 -1.72
C ALA C 19 26.77 11.90 -2.33
N THR C 20 26.68 11.69 -3.63
CA THR C 20 25.43 11.78 -4.36
C THR C 20 25.17 10.45 -5.03
N LEU C 21 24.03 9.84 -4.72
CA LEU C 21 23.67 8.50 -5.18
C LEU C 21 22.38 8.56 -5.97
N SER C 22 22.32 7.82 -7.06
CA SER C 22 21.22 7.89 -8.02
C SER C 22 20.46 6.57 -8.07
N CYS C 23 19.14 6.67 -8.12
CA CYS C 23 18.25 5.53 -8.34
C CYS C 23 17.28 5.88 -9.46
N ARG C 24 17.19 5.00 -10.46
CA ARG C 24 16.38 5.23 -11.65
C ARG C 24 15.39 4.10 -11.81
N ALA C 25 14.12 4.44 -12.02
CA ALA C 25 13.04 3.48 -12.11
C ALA C 25 12.66 3.26 -13.57
N SER C 26 12.07 2.09 -13.85
CA SER C 26 11.60 1.79 -15.19
C SER C 26 10.23 2.38 -15.49
N GLN C 27 9.49 2.81 -14.47
CA GLN C 27 8.16 3.39 -14.64
C GLN C 27 8.02 4.61 -13.74
N ASN C 28 7.04 5.45 -14.06
CA ASN C 28 6.76 6.65 -13.30
C ASN C 28 6.14 6.25 -11.97
N ILE C 29 6.96 6.24 -10.91
CA ILE C 29 6.50 5.88 -9.57
C ILE C 29 6.24 7.11 -8.71
N GLY C 30 6.15 8.30 -9.31
CA GLY C 30 5.89 9.51 -8.57
C GLY C 30 6.93 9.78 -7.50
N HIS C 31 6.46 10.04 -6.28
CA HIS C 31 7.34 10.30 -5.13
C HIS C 31 7.46 9.10 -4.21
N PHE C 32 6.95 7.93 -4.62
CA PHE C 32 6.91 6.75 -3.76
C PHE C 32 8.21 5.97 -3.90
N LEU C 33 9.21 6.40 -3.13
CA LEU C 33 10.50 5.72 -3.10
C LEU C 33 11.13 5.91 -1.73
N THR C 34 11.84 4.87 -1.27
CA THR C 34 12.43 4.83 0.05
C THR C 34 13.90 4.47 -0.07
N TRP C 35 14.73 5.11 0.75
CA TRP C 35 16.17 4.87 0.80
C TRP C 35 16.53 4.19 2.11
N TYR C 36 17.27 3.09 2.01
CA TYR C 36 17.66 2.28 3.16
C TYR C 36 19.18 2.27 3.30
N GLN C 37 19.66 2.54 4.51
CA GLN C 37 21.06 2.34 4.84
C GLN C 37 21.26 0.97 5.49
N GLN C 38 22.36 0.31 5.14
CA GLN C 38 22.67 -1.00 5.70
C GLN C 38 24.16 -1.09 5.92
N LYS C 39 24.58 -1.10 7.18
CA LYS C 39 25.96 -1.41 7.50
C LYS C 39 26.23 -2.88 7.18
N PRO C 40 27.47 -3.25 6.88
CA PRO C 40 27.74 -4.68 6.63
C PRO C 40 27.47 -5.51 7.88
N GLY C 41 26.77 -6.62 7.69
CA GLY C 41 26.43 -7.49 8.80
C GLY C 41 25.37 -6.94 9.72
N GLN C 42 24.51 -6.05 9.25
CA GLN C 42 23.45 -5.45 10.04
C GLN C 42 22.20 -5.30 9.19
N ALA C 43 21.06 -5.17 9.86
CA ALA C 43 19.80 -4.99 9.15
C ALA C 43 19.75 -3.59 8.52
N PRO C 44 18.99 -3.41 7.44
CA PRO C 44 18.87 -2.08 6.85
C PRO C 44 18.28 -1.08 7.82
N ARG C 45 18.40 0.20 7.46
CA ARG C 45 17.94 1.30 8.30
C ARG C 45 17.30 2.35 7.39
N LEU C 46 16.16 2.87 7.83
CA LEU C 46 15.41 3.82 7.02
C LEU C 46 16.08 5.18 7.04
N LEU C 47 16.40 5.70 5.84
CA LEU C 47 16.92 7.06 5.69
C LEU C 47 15.85 8.03 5.22
N ILE C 48 15.27 7.78 4.06
CA ILE C 48 14.36 8.71 3.40
C ILE C 48 13.10 7.95 3.02
N TYR C 49 11.93 8.57 3.26
CA TYR C 49 10.66 8.03 2.84
C TYR C 49 9.92 9.09 2.03
N ASP C 50 9.11 8.62 1.09
CA ASP C 50 8.43 9.50 0.12
C ASP C 50 9.43 10.27 -0.73
N ALA C 51 10.66 9.75 -0.83
CA ALA C 51 11.70 10.25 -1.71
C ALA C 51 12.30 11.58 -1.29
N SER C 52 11.72 12.25 -0.28
CA SER C 52 12.27 13.51 0.22
C SER C 52 12.27 13.64 1.74
N ASN C 53 11.39 12.93 2.46
CA ASN C 53 11.24 13.16 3.89
C ASN C 53 12.30 12.38 4.66
N ARG C 54 12.97 13.06 5.59
CA ARG C 54 14.03 12.44 6.38
C ARG C 54 13.41 11.72 7.57
N ALA C 55 13.80 10.47 7.77
CA ALA C 55 13.25 9.69 8.87
C ALA C 55 13.77 10.19 10.20
N THR C 56 12.98 9.98 11.25
CA THR C 56 13.37 10.42 12.59
C THR C 56 14.65 9.73 13.03
N GLY C 57 15.54 10.50 13.65
CA GLY C 57 16.82 10.01 14.11
C GLY C 57 17.92 10.08 13.08
N VAL C 58 17.59 10.27 11.81
CA VAL C 58 18.63 10.40 10.77
C VAL C 58 19.27 11.78 10.88
N PRO C 59 20.60 11.90 10.80
CA PRO C 59 21.20 13.24 10.89
C PRO C 59 20.86 14.08 9.68
N ALA C 60 20.93 15.40 9.88
CA ALA C 60 20.45 16.34 8.87
C ALA C 60 21.25 16.28 7.56
N ARG C 61 22.44 15.67 7.58
CA ARG C 61 23.26 15.66 6.37
C ARG C 61 22.62 14.81 5.26
N PHE C 62 21.71 13.90 5.61
CA PHE C 62 21.04 13.10 4.60
C PHE C 62 19.84 13.85 4.04
N SER C 63 19.71 13.84 2.72
CA SER C 63 18.58 14.50 2.06
C SER C 63 18.34 13.79 0.73
N GLY C 64 17.06 13.70 0.37
CA GLY C 64 16.64 13.07 -0.87
C GLY C 64 15.92 14.05 -1.77
N SER C 65 15.88 13.73 -3.06
CA SER C 65 15.24 14.60 -4.04
C SER C 65 14.92 13.76 -5.27
N GLY C 66 14.35 14.40 -6.29
CA GLY C 66 13.93 13.72 -7.50
C GLY C 66 12.49 13.27 -7.43
N SER C 67 11.99 12.81 -8.57
CA SER C 67 10.60 12.38 -8.66
C SER C 67 10.39 11.60 -9.95
N GLU C 68 9.25 10.92 -10.02
CA GLU C 68 8.79 10.23 -11.21
C GLU C 68 9.70 9.06 -11.60
N THR C 69 10.87 9.38 -12.16
CA THR C 69 11.73 8.36 -12.75
C THR C 69 13.20 8.52 -12.37
N GLU C 70 13.62 9.68 -11.87
CA GLU C 70 15.02 9.93 -11.52
C GLU C 70 15.08 10.44 -10.09
N PHE C 71 15.57 9.60 -9.19
CA PHE C 71 15.68 9.92 -7.78
C PHE C 71 17.15 10.02 -7.39
N THR C 72 17.43 10.82 -6.37
CA THR C 72 18.78 11.07 -5.93
C THR C 72 18.82 11.16 -4.41
N LEU C 73 19.87 10.59 -3.82
CA LEU C 73 20.14 10.69 -2.39
C LEU C 73 21.47 11.39 -2.22
N THR C 74 21.51 12.37 -1.31
CA THR C 74 22.68 13.19 -1.08
C THR C 74 23.07 13.13 0.40
N ILE C 75 24.36 12.86 0.65
CA ILE C 75 24.96 13.02 1.97
C ILE C 75 25.86 14.24 1.88
N SER C 76 25.56 15.26 2.68
CA SER C 76 26.29 16.53 2.57
C SER C 76 27.75 16.36 2.96
N SER C 77 28.05 15.58 4.00
CA SER C 77 29.42 15.42 4.46
C SER C 77 29.56 14.02 5.06
N LEU C 78 30.35 13.17 4.39
CA LEU C 78 30.53 11.81 4.86
C LEU C 78 31.31 11.77 6.17
N GLY C 79 30.69 11.23 7.20
CA GLY C 79 31.41 10.83 8.39
C GLY C 79 31.97 9.44 8.20
N PRO C 80 32.83 8.99 9.10
CA PRO C 80 33.32 7.60 8.99
C PRO C 80 32.22 6.57 9.06
N GLU C 81 31.15 6.84 9.81
CA GLU C 81 30.08 5.87 9.97
C GLU C 81 29.14 5.81 8.77
N ASP C 82 29.15 6.83 7.90
CA ASP C 82 28.27 6.83 6.74
C ASP C 82 28.68 5.82 5.67
N PHE C 83 29.85 5.19 5.82
CA PHE C 83 30.36 4.29 4.80
C PHE C 83 29.62 2.96 4.85
N ALA C 84 28.62 2.78 3.98
CA ALA C 84 27.74 1.62 4.05
C ALA C 84 27.16 1.34 2.67
N VAL C 85 26.15 0.47 2.64
CA VAL C 85 25.43 0.11 1.42
C VAL C 85 24.05 0.75 1.47
N TYR C 86 23.68 1.43 0.40
CA TYR C 86 22.44 2.20 0.33
C TYR C 86 21.51 1.60 -0.71
N TYR C 87 20.29 1.29 -0.30
CA TYR C 87 19.29 0.65 -1.15
C TYR C 87 18.13 1.60 -1.39
N CYS C 88 17.69 1.69 -2.65
CA CYS C 88 16.47 2.40 -2.99
C CYS C 88 15.35 1.41 -3.25
N GLN C 89 14.20 1.65 -2.62
CA GLN C 89 13.02 0.80 -2.77
C GLN C 89 11.84 1.66 -3.22
N GLU C 90 11.18 1.23 -4.29
CA GLU C 90 9.95 1.89 -4.72
C GLU C 90 8.79 1.44 -3.85
N ARG C 91 7.83 2.34 -3.66
CA ARG C 91 6.70 2.09 -2.77
C ARG C 91 5.39 2.43 -3.46
N SER C 92 5.28 2.13 -4.76
CA SER C 92 4.05 2.39 -5.49
C SER C 92 2.89 1.58 -4.92
N ASP C 93 3.18 0.45 -4.26
CA ASP C 93 2.16 -0.40 -3.67
C ASP C 93 2.49 -0.62 -2.20
N TRP C 94 2.71 0.47 -1.48
CA TRP C 94 3.25 0.42 -0.12
C TRP C 94 2.42 -0.52 0.75
N PRO C 95 3.04 -1.35 1.60
CA PRO C 95 4.47 -1.50 1.88
C PRO C 95 5.21 -2.41 0.90
N ARG C 96 4.55 -2.89 -0.15
CA ARG C 96 5.21 -3.73 -1.13
C ARG C 96 6.17 -2.91 -1.96
N GLY C 97 7.00 -3.58 -2.73
CA GLY C 97 7.88 -2.90 -3.65
C GLY C 97 9.16 -3.66 -3.89
N THR C 98 9.80 -3.33 -5.01
CA THR C 98 11.07 -3.93 -5.37
C THR C 98 12.24 -3.08 -4.86
N PHE C 99 13.36 -3.74 -4.60
CA PHE C 99 14.57 -3.07 -4.15
C PHE C 99 15.56 -2.90 -5.28
N GLY C 100 16.38 -1.87 -5.18
CA GLY C 100 17.50 -1.71 -6.08
C GLY C 100 18.66 -2.60 -5.67
N GLN C 101 19.62 -2.73 -6.57
CA GLN C 101 20.76 -3.60 -6.32
C GLN C 101 21.66 -3.08 -5.20
N GLY C 102 21.59 -1.80 -4.88
CA GLY C 102 22.40 -1.21 -3.83
C GLY C 102 23.70 -0.63 -4.36
N THR C 103 24.32 0.21 -3.53
CA THR C 103 25.57 0.87 -3.86
C THR C 103 26.44 0.94 -2.62
N LYS C 104 27.58 0.26 -2.65
CA LYS C 104 28.53 0.25 -1.56
C LYS C 104 29.38 1.52 -1.59
N VAL C 105 29.85 1.93 -0.42
CA VAL C 105 30.76 3.07 -0.26
C VAL C 105 32.03 2.55 0.38
N GLU C 106 33.14 2.64 -0.35
CA GLU C 106 34.44 2.24 0.17
C GLU C 106 35.51 2.94 -0.65
N ILE C 107 36.62 3.28 0.01
CA ILE C 107 37.76 3.93 -0.64
C ILE C 107 39.04 3.14 -0.36
N LYS C 108 39.29 2.84 0.92
CA LYS C 108 40.52 2.15 1.31
C LYS C 108 40.29 1.33 2.58
#